data_7S3L
#
_entry.id   7S3L
#
_cell.length_a   98.118
_cell.length_b   98.118
_cell.length_c   69.127
_cell.angle_alpha   90.000
_cell.angle_beta   90.000
_cell.angle_gamma   90.000
#
_symmetry.space_group_name_H-M   'P 43 21 2'
#
loop_
_entity.id
_entity.type
_entity.pdbx_description
1 polymer 'Aminoglycoside phosphotransferase family protein'
2 non-polymer 'PHOSPHOAMINOPHOSPHONIC ACID-ADENYLATE ESTER'
3 water water
#
_entity_poly.entity_id   1
_entity_poly.type   'polypeptide(L)'
_entity_poly.pdbx_seq_one_letter_code
;LNID(MSE)NWLGQLLGSDWEIFPAGGATGDAYYAKHNGQQLFLKRNSSPFLAVLSAEGIVPKLVWTKR(MSE)ENGDVI
TAQHW(MSE)TGRELKPKD(MSE)SGRPVAELLRKIHTSKALLD(MSE)LKRLGKEPLNPGALLSQLKQAVFAVQQSSPL
IQEGIKYLEEHLHEVHFGEKVVCHCDVNHNNWLLSEDNQLYLIDWDGA(MSE)IADPA(MSE)DLGPLLYHYVEKPAWES
WLS(MSE)YGIELTESLRLR(MSE)AWYVLSETITFIAWHKAKGNDKEFHDA(MSE)EELHIL(MSE)KRIVD
;
_entity_poly.pdbx_strand_id   A
#
# COMPACT_ATOMS: atom_id res chain seq x y z
N LEU A 1 -27.05 -23.29 11.18
CA LEU A 1 -27.34 -21.86 11.05
C LEU A 1 -27.12 -21.41 9.63
N ASN A 2 -28.05 -20.63 9.10
CA ASN A 2 -27.89 -20.14 7.75
C ASN A 2 -26.84 -19.05 7.69
N ILE A 3 -26.15 -18.99 6.56
CA ILE A 3 -25.14 -17.98 6.32
C ILE A 3 -25.76 -16.93 5.38
N ASP A 4 -25.74 -15.66 5.80
CA ASP A 4 -26.42 -14.62 5.04
C ASP A 4 -25.63 -14.35 3.76
N ASN A 6 -27.04 -15.37 0.17
CA ASN A 6 -27.85 -15.93 -0.90
C ASN A 6 -28.13 -14.93 -2.02
N TRP A 7 -27.32 -13.87 -2.15
CA TRP A 7 -27.42 -12.99 -3.32
C TRP A 7 -27.03 -13.73 -4.61
N LEU A 8 -26.62 -14.99 -4.50
CA LEU A 8 -26.17 -15.82 -5.63
C LEU A 8 -27.12 -17.02 -5.80
N LEU A 12 -22.63 -17.35 -8.24
CA LEU A 12 -23.93 -17.99 -8.48
C LEU A 12 -23.75 -19.49 -8.52
N GLY A 13 -24.88 -20.21 -8.47
CA GLY A 13 -24.85 -21.65 -8.50
C GLY A 13 -24.77 -22.26 -7.13
N SER A 14 -25.70 -23.16 -6.80
CA SER A 14 -25.70 -23.80 -5.50
C SER A 14 -24.59 -24.84 -5.34
N ASP A 15 -23.90 -25.20 -6.43
CA ASP A 15 -22.84 -26.20 -6.40
C ASP A 15 -21.46 -25.60 -6.10
N TRP A 16 -21.42 -24.39 -5.54
CA TRP A 16 -20.17 -23.70 -5.19
C TRP A 16 -20.10 -23.49 -3.68
N GLU A 17 -19.01 -23.95 -3.07
CA GLU A 17 -18.70 -23.54 -1.71
C GLU A 17 -18.38 -22.05 -1.65
N ILE A 18 -18.93 -21.37 -0.67
CA ILE A 18 -18.69 -19.94 -0.49
C ILE A 18 -18.56 -19.66 1.01
N PHE A 19 -17.53 -18.90 1.38
CA PHE A 19 -17.28 -18.55 2.77
C PHE A 19 -16.40 -17.31 2.75
N PRO A 20 -16.57 -16.39 3.69
CA PRO A 20 -15.63 -15.26 3.78
C PRO A 20 -14.17 -15.74 3.81
N ALA A 21 -13.28 -14.87 3.37
CA ALA A 21 -11.85 -15.17 3.44
C ALA A 21 -11.20 -14.34 4.54
N THR A 25 -9.24 -9.29 3.62
CA THR A 25 -9.72 -7.97 4.09
C THR A 25 -10.90 -7.49 3.25
N GLY A 26 -11.66 -6.51 3.75
CA GLY A 26 -12.83 -6.09 2.98
C GLY A 26 -13.89 -7.18 2.95
N ASP A 27 -14.65 -7.21 1.84
CA ASP A 27 -15.71 -8.19 1.61
C ASP A 27 -15.20 -9.39 0.80
N ALA A 28 -14.22 -10.10 1.36
CA ALA A 28 -13.54 -11.16 0.62
C ALA A 28 -14.16 -12.52 0.93
N TYR A 29 -14.68 -13.17 -0.10
CA TYR A 29 -15.19 -14.53 -0.02
C TYR A 29 -14.48 -15.38 -1.07
N TYR A 30 -14.14 -16.62 -0.69
CA TYR A 30 -13.63 -17.57 -1.66
C TYR A 30 -14.79 -18.39 -2.23
N ALA A 31 -14.53 -19.08 -3.34
CA ALA A 31 -15.58 -19.82 -4.04
C ALA A 31 -14.94 -20.98 -4.79
N LYS A 32 -15.42 -22.20 -4.52
CA LYS A 32 -14.79 -23.44 -4.97
C LYS A 32 -15.78 -24.35 -5.70
N HIS A 33 -15.37 -24.84 -6.87
CA HIS A 33 -16.14 -25.84 -7.63
C HIS A 33 -15.19 -26.55 -8.58
N ASN A 34 -15.09 -27.87 -8.48
CA ASN A 34 -14.08 -28.67 -9.19
C ASN A 34 -12.71 -28.11 -8.79
N GLY A 35 -11.83 -27.80 -9.72
CA GLY A 35 -10.56 -27.21 -9.35
C GLY A 35 -10.45 -25.74 -9.69
N GLN A 36 -11.58 -25.01 -9.66
CA GLN A 36 -11.60 -23.59 -9.99
C GLN A 36 -11.94 -22.79 -8.74
N GLN A 37 -10.95 -22.11 -8.19
CA GLN A 37 -11.17 -21.20 -7.08
C GLN A 37 -11.23 -19.77 -7.61
N LEU A 38 -12.14 -18.99 -7.08
CA LEU A 38 -12.25 -17.58 -7.40
C LEU A 38 -12.14 -16.76 -6.13
N PHE A 39 -11.65 -15.54 -6.28
CA PHE A 39 -11.64 -14.56 -5.23
C PHE A 39 -12.74 -13.57 -5.57
N LEU A 40 -13.76 -13.47 -4.72
CA LEU A 40 -14.91 -12.60 -4.99
C LEU A 40 -14.91 -11.41 -4.03
N LYS A 41 -15.39 -10.27 -4.53
CA LYS A 41 -15.44 -9.02 -3.78
C LYS A 41 -16.78 -8.34 -4.05
N ARG A 42 -17.42 -7.85 -2.99
CA ARG A 42 -18.60 -7.01 -3.15
C ARG A 42 -18.17 -5.55 -3.15
N ASN A 43 -18.75 -4.78 -4.08
CA ASN A 43 -18.52 -3.34 -4.23
C ASN A 43 -17.02 -3.01 -4.15
N SER A 44 -16.30 -3.47 -5.16
CA SER A 44 -14.94 -3.06 -5.41
C SER A 44 -14.94 -1.77 -6.21
N SER A 45 -13.77 -1.11 -6.23
CA SER A 45 -13.69 0.18 -6.89
C SER A 45 -13.50 0.00 -8.39
N PRO A 46 -13.98 0.94 -9.21
CA PRO A 46 -13.68 0.89 -10.64
C PRO A 46 -12.20 0.90 -10.93
N PHE A 47 -11.40 1.25 -9.92
CA PHE A 47 -9.95 1.10 -9.96
C PHE A 47 -9.52 -0.33 -10.30
N LEU A 48 -10.27 -1.32 -9.83
CA LEU A 48 -9.84 -2.71 -9.96
C LEU A 48 -9.62 -3.10 -11.43
N ALA A 49 -10.47 -2.61 -12.32
CA ALA A 49 -10.31 -2.95 -13.72
C ALA A 49 -8.92 -2.57 -14.22
N VAL A 50 -8.44 -1.39 -13.81
CA VAL A 50 -7.12 -0.95 -14.29
C VAL A 50 -6.00 -1.71 -13.59
N LEU A 51 -6.17 -2.07 -12.32
CA LEU A 51 -5.18 -2.91 -11.65
C LEU A 51 -5.04 -4.26 -12.36
N SER A 52 -6.15 -4.81 -12.85
CA SER A 52 -6.08 -6.12 -13.51
C SER A 52 -5.43 -6.00 -14.88
N ALA A 53 -5.87 -5.02 -15.67
CA ALA A 53 -5.29 -4.80 -16.99
C ALA A 53 -3.79 -4.55 -16.91
N GLU A 54 -3.34 -3.89 -15.86
CA GLU A 54 -1.93 -3.61 -15.72
C GLU A 54 -1.16 -4.77 -15.10
N GLY A 55 -1.84 -5.84 -14.67
CA GLY A 55 -1.18 -6.98 -14.07
C GLY A 55 -0.73 -6.81 -12.63
N ILE A 56 -1.25 -5.82 -11.91
CA ILE A 56 -0.83 -5.57 -10.52
C ILE A 56 -1.44 -6.58 -9.57
N VAL A 57 -2.68 -6.99 -9.81
CA VAL A 57 -3.42 -7.93 -8.97
C VAL A 57 -3.83 -9.10 -9.85
N PRO A 58 -4.22 -10.23 -9.26
CA PRO A 58 -4.67 -11.37 -10.07
C PRO A 58 -5.85 -10.96 -10.95
N LYS A 59 -5.84 -11.44 -12.19
CA LYS A 59 -6.68 -10.83 -13.21
C LYS A 59 -8.15 -11.19 -13.03
N LEU A 60 -9.00 -10.23 -13.39
CA LEU A 60 -10.44 -10.40 -13.36
C LEU A 60 -10.91 -11.59 -14.18
N VAL A 61 -12.02 -12.19 -13.75
CA VAL A 61 -12.62 -13.32 -14.43
C VAL A 61 -14.04 -13.02 -14.89
N TRP A 62 -14.83 -12.34 -14.05
CA TRP A 62 -16.05 -11.72 -14.55
C TRP A 62 -16.52 -10.65 -13.57
N THR A 63 -17.57 -9.95 -13.97
CA THR A 63 -18.18 -8.85 -13.25
C THR A 63 -19.68 -8.95 -13.46
N LYS A 64 -20.47 -8.69 -12.41
CA LYS A 64 -21.92 -8.72 -12.53
C LYS A 64 -22.49 -7.59 -11.71
N ARG A 65 -23.41 -6.82 -12.31
CA ARG A 65 -24.01 -5.67 -11.64
C ARG A 65 -25.35 -6.13 -11.06
N GLU A 67 -29.02 -6.15 -8.97
CA GLU A 67 -30.22 -5.33 -9.17
C GLU A 67 -30.22 -4.11 -8.26
N ASN A 68 -29.73 -4.28 -7.03
CA ASN A 68 -29.48 -3.10 -6.22
C ASN A 68 -28.41 -2.17 -6.82
N GLY A 69 -27.59 -2.69 -7.72
CA GLY A 69 -26.42 -2.00 -8.22
C GLY A 69 -25.11 -2.41 -7.56
N ASP A 70 -25.07 -3.50 -6.79
CA ASP A 70 -23.80 -3.98 -6.26
C ASP A 70 -22.92 -4.45 -7.43
N VAL A 71 -21.63 -4.09 -7.41
CA VAL A 71 -20.68 -4.60 -8.39
C VAL A 71 -19.99 -5.80 -7.74
N ILE A 72 -20.31 -6.98 -8.25
CA ILE A 72 -19.66 -8.22 -7.84
C ILE A 72 -18.60 -8.59 -8.87
N THR A 73 -17.37 -8.82 -8.41
CA THR A 73 -16.28 -9.16 -9.31
C THR A 73 -15.66 -10.48 -8.87
N ALA A 74 -15.33 -11.32 -9.85
CA ALA A 74 -14.59 -12.54 -9.61
C ALA A 74 -13.19 -12.39 -10.19
N GLN A 75 -12.19 -12.80 -9.41
CA GLN A 75 -10.79 -12.79 -9.81
C GLN A 75 -10.21 -14.20 -9.72
N HIS A 76 -9.20 -14.48 -10.53
CA HIS A 76 -8.42 -15.68 -10.33
C HIS A 76 -7.97 -15.76 -8.88
N TRP A 77 -8.16 -16.92 -8.27
CA TRP A 77 -7.68 -17.14 -6.92
C TRP A 77 -6.24 -17.60 -7.02
N THR A 79 -2.59 -19.02 -6.14
CA THR A 79 -1.96 -20.02 -5.29
C THR A 79 -0.50 -19.63 -5.08
N GLY A 80 -0.15 -19.37 -3.83
CA GLY A 80 1.22 -19.05 -3.49
C GLY A 80 1.34 -18.61 -2.05
N ARG A 81 2.17 -17.61 -1.80
CA ARG A 81 2.51 -17.20 -0.46
C ARG A 81 2.72 -15.70 -0.44
N GLU A 82 2.57 -15.12 0.75
CA GLU A 82 3.03 -13.76 0.94
C GLU A 82 4.56 -13.71 0.83
N LEU A 83 5.08 -12.50 0.65
CA LEU A 83 6.52 -12.30 0.57
C LEU A 83 7.09 -12.11 1.96
N LYS A 84 8.24 -12.68 2.19
CA LYS A 84 8.89 -12.40 3.45
C LYS A 84 9.76 -11.16 3.33
N PRO A 85 10.01 -10.47 4.44
CA PRO A 85 10.91 -9.30 4.42
C PRO A 85 12.21 -9.53 3.66
N LYS A 86 12.77 -10.74 3.75
CA LYS A 86 13.95 -11.08 2.95
C LYS A 86 13.70 -10.86 1.46
N ASP A 87 12.45 -11.06 0.99
CA ASP A 87 12.12 -10.99 -0.43
C ASP A 87 12.03 -9.57 -0.96
N SER A 89 13.91 -7.09 -1.23
CA SER A 89 15.02 -6.47 -1.94
C SER A 89 15.20 -7.01 -3.34
N GLY A 90 14.38 -7.98 -3.75
CA GLY A 90 14.51 -8.53 -5.09
C GLY A 90 14.13 -7.53 -6.16
N ARG A 91 14.80 -7.65 -7.31
CA ARG A 91 14.40 -6.94 -8.52
C ARG A 91 12.89 -6.94 -8.79
N PRO A 92 12.17 -8.08 -8.70
CA PRO A 92 10.73 -8.05 -9.05
C PRO A 92 9.91 -7.10 -8.20
N VAL A 93 10.23 -6.97 -6.91
CA VAL A 93 9.53 -6.03 -6.05
C VAL A 93 9.78 -4.61 -6.52
N ALA A 94 11.02 -4.29 -6.89
CA ALA A 94 11.33 -2.94 -7.31
C ALA A 94 10.71 -2.62 -8.66
N GLU A 95 10.59 -3.62 -9.54
CA GLU A 95 10.04 -3.38 -10.86
C GLU A 95 8.54 -3.17 -10.81
N LEU A 96 7.84 -3.98 -10.01
CA LEU A 96 6.39 -3.81 -9.87
C LEU A 96 6.05 -2.46 -9.25
N LEU A 97 6.79 -2.05 -8.22
CA LEU A 97 6.56 -0.74 -7.64
C LEU A 97 6.83 0.37 -8.66
N ARG A 98 7.85 0.21 -9.49
CA ARG A 98 8.09 1.18 -10.54
C ARG A 98 6.93 1.19 -11.54
N LYS A 99 6.35 0.03 -11.82
CA LYS A 99 5.24 0.01 -12.77
C LYS A 99 4.02 0.74 -12.21
N ILE A 100 3.76 0.63 -10.91
CA ILE A 100 2.67 1.39 -10.29
C ILE A 100 2.98 2.88 -10.36
N HIS A 101 4.21 3.26 -10.01
CA HIS A 101 4.54 4.67 -9.91
C HIS A 101 4.58 5.35 -11.27
N THR A 102 4.70 4.61 -12.37
CA THR A 102 4.73 5.26 -13.68
C THR A 102 3.46 5.01 -14.47
N SER A 103 2.49 4.27 -13.95
CA SER A 103 1.28 3.98 -14.71
C SER A 103 0.42 5.24 -14.85
N LYS A 104 0.37 5.79 -16.06
CA LYS A 104 -0.54 6.90 -16.29
C LYS A 104 -2.00 6.45 -16.32
N ALA A 105 -2.28 5.18 -16.61
CA ALA A 105 -3.65 4.68 -16.56
C ALA A 105 -4.17 4.55 -15.12
N LEU A 106 -3.33 4.13 -14.18
CA LEU A 106 -3.79 4.14 -12.80
C LEU A 106 -3.99 5.57 -12.32
N LEU A 107 -3.06 6.45 -12.67
CA LEU A 107 -3.18 7.85 -12.26
C LEU A 107 -4.46 8.46 -12.79
N ASP A 108 -4.81 8.13 -14.03
CA ASP A 108 -5.99 8.67 -14.68
C ASP A 108 -7.27 8.24 -13.97
N LEU A 110 -7.63 7.26 -10.60
CA LEU A 110 -7.70 7.91 -9.30
C LEU A 110 -8.18 9.35 -9.42
N LYS A 111 -7.66 10.07 -10.41
CA LYS A 111 -8.13 11.42 -10.66
C LYS A 111 -9.61 11.43 -11.02
N ARG A 112 -10.01 10.63 -12.00
CA ARG A 112 -11.42 10.58 -12.35
C ARG A 112 -12.32 10.27 -11.16
N LEU A 113 -11.78 9.67 -10.10
CA LEU A 113 -12.56 9.36 -8.91
C LEU A 113 -12.44 10.45 -7.85
N GLY A 114 -11.96 11.63 -8.22
CA GLY A 114 -11.89 12.74 -7.31
C GLY A 114 -10.93 12.55 -6.16
N LYS A 115 -9.64 12.37 -6.45
CA LYS A 115 -8.64 12.20 -5.41
C LYS A 115 -7.75 13.44 -5.33
N GLU A 116 -7.47 13.88 -4.10
CA GLU A 116 -6.62 15.03 -3.90
C GLU A 116 -5.16 14.67 -4.12
N PRO A 117 -4.39 15.45 -4.86
CA PRO A 117 -2.94 15.37 -4.72
C PRO A 117 -2.56 15.67 -3.28
N LEU A 118 -1.79 14.77 -2.69
CA LEU A 118 -1.51 14.79 -1.27
C LEU A 118 -0.21 15.55 -1.05
N ASN A 119 -0.31 16.74 -0.44
CA ASN A 119 0.78 17.67 -0.19
C ASN A 119 1.26 17.55 1.25
N PRO A 120 2.59 17.55 1.45
CA PRO A 120 3.12 17.46 2.82
C PRO A 120 2.67 18.61 3.71
N GLY A 121 2.32 19.76 3.13
CA GLY A 121 1.73 20.84 3.88
C GLY A 121 0.47 20.43 4.63
N ALA A 122 -0.61 20.18 3.90
CA ALA A 122 -1.85 19.74 4.53
C ALA A 122 -1.68 18.46 5.33
N LEU A 123 -0.70 17.62 4.99
CA LEU A 123 -0.51 16.37 5.71
C LEU A 123 0.08 16.62 7.10
N LEU A 124 1.12 17.44 7.18
CA LEU A 124 1.69 17.78 8.48
C LEU A 124 0.67 18.43 9.39
N SER A 125 -0.24 19.23 8.83
CA SER A 125 -1.31 19.84 9.62
C SER A 125 -2.21 18.77 10.22
N GLN A 126 -2.53 17.73 9.45
CA GLN A 126 -3.35 16.65 9.97
C GLN A 126 -2.69 15.93 11.13
N LEU A 127 -1.36 16.04 11.30
CA LEU A 127 -0.74 15.47 12.48
C LEU A 127 -1.18 16.24 13.75
N LYS A 128 -2.41 16.02 14.17
CA LYS A 128 -2.95 16.59 15.41
C LYS A 128 -2.83 15.52 16.49
N GLN A 129 -1.73 15.61 17.28
CA GLN A 129 -1.50 14.79 18.45
C GLN A 129 -0.77 15.63 19.50
N GLN A 136 -0.78 15.43 23.91
CA GLN A 136 -1.20 14.12 23.42
C GLN A 136 0.02 13.32 23.04
N SER A 137 1.16 13.81 23.50
CA SER A 137 2.42 13.56 22.83
C SER A 137 3.58 13.62 23.81
N SER A 138 4.35 12.53 23.87
CA SER A 138 5.55 12.36 24.70
C SER A 138 6.61 13.38 24.30
N PRO A 139 7.78 13.44 24.97
CA PRO A 139 8.79 14.43 24.54
C PRO A 139 9.44 14.07 23.21
N LEU A 140 9.75 12.78 22.99
CA LEU A 140 10.31 12.35 21.72
C LEU A 140 9.38 12.72 20.57
N ILE A 141 8.07 12.65 20.80
CA ILE A 141 7.11 13.06 19.77
C ILE A 141 7.28 14.54 19.45
N GLN A 142 7.47 15.37 20.49
CA GLN A 142 7.59 16.81 20.25
C GLN A 142 8.78 17.13 19.36
N GLU A 143 9.92 16.47 19.61
CA GLU A 143 11.09 16.67 18.77
C GLU A 143 10.88 16.08 17.38
N GLY A 144 9.98 15.09 17.25
CA GLY A 144 9.66 14.56 15.94
C GLY A 144 8.94 15.55 15.06
N ILE A 145 7.91 16.18 15.60
CA ILE A 145 7.17 17.17 14.83
C ILE A 145 8.03 18.39 14.54
N LYS A 146 9.05 18.65 15.37
CA LYS A 146 10.02 19.70 15.04
C LYS A 146 10.73 19.38 13.73
N TYR A 147 11.31 18.17 13.64
CA TYR A 147 12.02 17.79 12.42
C TYR A 147 11.15 17.90 11.19
N LEU A 148 9.84 17.63 11.32
CA LEU A 148 8.98 17.69 10.13
C LEU A 148 8.68 19.12 9.71
N GLU A 149 8.54 20.04 10.67
CA GLU A 149 8.28 21.43 10.30
C GLU A 149 9.52 22.10 9.76
N GLU A 150 10.69 21.77 10.33
CA GLU A 150 11.95 22.39 9.95
C GLU A 150 12.58 21.75 8.73
N HIS A 151 11.89 20.83 8.08
CA HIS A 151 12.34 20.28 6.81
C HIS A 151 11.25 20.31 5.74
N LEU A 152 10.06 20.82 6.05
CA LEU A 152 9.02 20.98 5.04
C LEU A 152 9.53 21.79 3.85
N HIS A 153 10.50 22.68 4.07
CA HIS A 153 11.02 23.47 2.96
C HIS A 153 11.62 22.59 1.86
N GLU A 154 12.11 21.40 2.21
CA GLU A 154 12.84 20.56 1.27
C GLU A 154 12.09 19.29 0.86
N VAL A 155 10.83 19.16 1.24
CA VAL A 155 10.08 17.96 0.85
C VAL A 155 9.05 18.35 -0.19
N HIS A 156 9.53 18.85 -1.31
CA HIS A 156 8.64 19.19 -2.40
C HIS A 156 8.98 18.33 -3.60
N PHE A 157 7.96 18.10 -4.42
CA PHE A 157 8.07 17.28 -5.61
C PHE A 157 6.83 17.51 -6.44
N GLY A 158 7.00 17.75 -7.73
CA GLY A 158 5.87 18.13 -8.56
C GLY A 158 5.13 16.97 -9.20
N GLU A 159 5.84 15.89 -9.52
CA GLU A 159 5.28 14.78 -10.28
C GLU A 159 4.69 13.75 -9.32
N LYS A 160 3.44 13.94 -8.94
CA LYS A 160 2.75 12.99 -8.07
C LYS A 160 2.20 11.82 -8.88
N VAL A 161 2.23 10.64 -8.27
CA VAL A 161 1.90 9.40 -8.93
C VAL A 161 0.98 8.60 -8.00
N VAL A 162 0.52 7.46 -8.50
CA VAL A 162 -0.23 6.54 -7.64
C VAL A 162 0.72 5.92 -6.64
N CYS A 163 0.36 6.01 -5.36
CA CYS A 163 1.04 5.32 -4.28
C CYS A 163 0.07 4.38 -3.61
N HIS A 164 0.58 3.22 -3.20
CA HIS A 164 -0.26 2.22 -2.57
C HIS A 164 -0.51 2.55 -1.10
N CYS A 165 0.53 3.02 -0.40
CA CYS A 165 0.55 3.63 0.94
C CYS A 165 0.60 2.64 2.10
N ASP A 166 0.70 1.34 1.87
CA ASP A 166 0.89 0.39 2.96
C ASP A 166 1.71 -0.77 2.39
N VAL A 167 2.94 -0.45 2.03
CA VAL A 167 3.74 -1.32 1.17
C VAL A 167 4.42 -2.39 2.01
N ASN A 168 3.83 -2.66 3.18
CA ASN A 168 4.19 -3.78 4.03
C ASN A 168 4.25 -5.08 3.22
N HIS A 169 5.23 -5.93 3.56
CA HIS A 169 5.52 -7.15 2.81
C HIS A 169 4.36 -8.14 2.75
N ASN A 170 3.44 -8.09 3.71
CA ASN A 170 2.34 -9.05 3.67
C ASN A 170 1.33 -8.73 2.59
N ASN A 171 1.38 -7.54 1.99
CA ASN A 171 0.53 -7.19 0.88
C ASN A 171 1.11 -7.59 -0.47
N TRP A 172 2.29 -8.20 -0.50
CA TRP A 172 2.89 -8.71 -1.73
C TRP A 172 2.65 -10.21 -1.87
N LEU A 173 2.05 -10.63 -2.98
CA LEU A 173 1.77 -12.04 -3.22
C LEU A 173 2.68 -12.59 -4.29
N LEU A 174 3.05 -13.87 -4.16
CA LEU A 174 3.91 -14.55 -5.13
C LEU A 174 3.25 -15.86 -5.54
N SER A 175 3.03 -16.06 -6.83
CA SER A 175 2.32 -17.24 -7.32
C SER A 175 3.29 -18.36 -7.65
N GLU A 176 2.78 -19.58 -7.58
CA GLU A 176 3.52 -20.71 -8.12
C GLU A 176 3.82 -20.52 -9.60
N ASP A 177 3.08 -19.67 -10.30
CA ASP A 177 3.31 -19.37 -11.70
C ASP A 177 4.33 -18.27 -11.92
N ASN A 178 5.09 -17.90 -10.89
CA ASN A 178 6.09 -16.83 -11.01
C ASN A 178 5.46 -15.50 -11.45
N GLN A 179 4.33 -15.18 -10.83
CA GLN A 179 3.73 -13.86 -10.91
C GLN A 179 3.82 -13.19 -9.55
N LEU A 180 4.14 -11.90 -9.55
CA LEU A 180 4.18 -11.10 -8.32
C LEU A 180 3.04 -10.10 -8.37
N TYR A 181 2.37 -9.90 -7.23
CA TYR A 181 1.21 -9.02 -7.15
C TYR A 181 1.30 -8.18 -5.88
N LEU A 182 0.66 -7.03 -5.94
CA LEU A 182 0.51 -6.17 -4.77
C LEU A 182 -0.99 -5.91 -4.60
N ILE A 183 -1.52 -6.10 -3.39
CA ILE A 183 -2.95 -6.07 -3.19
C ILE A 183 -3.31 -5.08 -2.09
N ASP A 184 -4.62 -4.99 -1.82
CA ASP A 184 -5.25 -4.07 -0.88
C ASP A 184 -5.06 -2.62 -1.28
N TRP A 185 -5.98 -2.08 -2.09
CA TRP A 185 -5.76 -0.80 -2.74
C TRP A 185 -6.67 0.32 -2.23
N ASP A 186 -7.17 0.18 -1.01
CA ASP A 186 -8.06 1.16 -0.40
C ASP A 186 -7.36 2.46 0.00
N GLY A 187 -6.11 2.37 0.42
CA GLY A 187 -5.37 3.57 0.77
C GLY A 187 -4.65 4.21 -0.40
N ALA A 188 -5.05 3.90 -1.62
CA ALA A 188 -4.35 4.44 -2.78
C ALA A 188 -4.53 5.95 -2.85
N ILE A 190 -2.87 9.84 -4.51
CA ILE A 190 -1.94 10.54 -5.40
C ILE A 190 -0.93 11.26 -4.53
N ALA A 191 0.36 10.95 -4.70
CA ALA A 191 1.37 11.49 -3.80
C ALA A 191 2.77 11.35 -4.40
N ASP A 192 3.75 11.85 -3.64
CA ASP A 192 5.15 11.72 -3.97
C ASP A 192 5.55 10.24 -3.94
N PRO A 193 6.29 9.74 -4.94
CA PRO A 193 6.75 8.34 -4.87
C PRO A 193 7.50 8.02 -3.58
N ALA A 194 8.22 8.99 -3.01
CA ALA A 194 8.97 8.75 -1.77
C ALA A 194 8.06 8.18 -0.67
N ASP A 196 6.02 5.92 -0.75
CA ASP A 196 6.20 4.47 -0.75
C ASP A 196 7.66 4.05 -0.67
N LEU A 197 8.57 4.68 -1.43
CA LEU A 197 9.96 4.21 -1.51
C LEU A 197 10.64 4.29 -0.15
N GLY A 198 10.36 5.32 0.63
CA GLY A 198 10.94 5.50 1.94
C GLY A 198 10.66 4.31 2.84
N PRO A 199 9.40 4.16 3.27
CA PRO A 199 9.05 3.03 4.14
C PRO A 199 9.58 1.69 3.66
N LEU A 200 9.68 1.49 2.35
CA LEU A 200 10.15 0.21 1.86
C LEU A 200 11.64 0.03 2.13
N LEU A 201 12.46 1.00 1.71
CA LEU A 201 13.91 0.88 1.92
C LEU A 201 14.28 0.94 3.40
N TYR A 202 13.64 1.82 4.16
CA TYR A 202 13.98 1.96 5.58
C TYR A 202 13.70 0.68 6.36
N HIS A 203 12.64 -0.05 5.98
CA HIS A 203 12.22 -1.20 6.77
C HIS A 203 12.84 -2.51 6.32
N TYR A 204 13.27 -2.65 5.06
CA TYR A 204 13.65 -3.97 4.53
C TYR A 204 14.94 -4.02 3.76
N VAL A 205 15.64 -2.90 3.58
CA VAL A 205 16.81 -2.86 2.72
C VAL A 205 17.94 -2.14 3.44
N GLU A 206 19.10 -2.80 3.54
CA GLU A 206 20.25 -2.18 4.19
C GLU A 206 20.80 -1.05 3.33
N LYS A 207 21.11 0.08 3.99
CA LYS A 207 21.40 1.33 3.29
C LYS A 207 22.58 1.27 2.32
N PRO A 208 23.60 0.43 2.51
CA PRO A 208 24.57 0.20 1.43
C PRO A 208 23.95 -0.36 0.16
N ALA A 209 22.72 -0.86 0.20
CA ALA A 209 22.10 -1.41 -1.01
C ALA A 209 21.07 -0.46 -1.61
N TRP A 210 20.77 0.66 -0.94
CA TRP A 210 19.72 1.56 -1.40
C TRP A 210 19.95 2.00 -2.84
N GLU A 211 21.17 2.43 -3.15
CA GLU A 211 21.39 2.98 -4.48
C GLU A 211 21.25 1.91 -5.54
N SER A 212 21.63 0.67 -5.22
CA SER A 212 21.50 -0.40 -6.20
C SER A 212 20.05 -0.84 -6.34
N TRP A 213 19.30 -0.80 -5.23
CA TRP A 213 17.86 -1.07 -5.30
C TRP A 213 17.19 -0.07 -6.23
N LEU A 214 17.35 1.23 -5.95
CA LEU A 214 16.77 2.29 -6.77
C LEU A 214 17.23 2.24 -8.22
N SER A 215 18.34 1.57 -8.51
CA SER A 215 18.75 1.42 -9.90
C SER A 215 17.93 0.34 -10.60
N TYR A 217 14.88 -0.19 -9.62
CA TYR A 217 13.66 0.60 -9.71
C TYR A 217 13.73 1.59 -10.87
N GLY A 218 14.90 2.15 -11.11
CA GLY A 218 15.07 3.07 -12.23
C GLY A 218 15.13 4.52 -11.82
N ILE A 219 15.65 4.79 -10.62
CA ILE A 219 15.71 6.15 -10.09
C ILE A 219 17.09 6.34 -9.48
N GLU A 220 17.69 7.51 -9.70
CA GLU A 220 18.97 7.82 -9.10
C GLU A 220 18.75 8.29 -7.68
N LEU A 221 19.62 7.84 -6.76
CA LEU A 221 19.52 8.20 -5.34
C LEU A 221 20.07 9.62 -5.14
N THR A 222 19.23 10.60 -5.47
CA THR A 222 19.61 12.00 -5.36
C THR A 222 19.47 12.49 -3.92
N GLU A 223 19.80 13.77 -3.68
CA GLU A 223 19.78 14.30 -2.33
C GLU A 223 18.39 14.78 -1.92
N SER A 224 17.56 15.19 -2.87
CA SER A 224 16.19 15.47 -2.49
C SER A 224 15.45 14.19 -2.15
N LEU A 225 15.87 13.05 -2.72
CA LEU A 225 15.25 11.78 -2.39
C LEU A 225 15.57 11.38 -0.96
N ARG A 226 16.85 11.50 -0.56
CA ARG A 226 17.23 11.15 0.81
C ARG A 226 16.42 11.94 1.83
N LEU A 227 16.17 13.22 1.54
CA LEU A 227 15.40 14.04 2.46
C LEU A 227 13.92 13.70 2.39
N ARG A 228 13.38 13.58 1.16
CA ARG A 228 11.97 13.25 0.99
C ARG A 228 11.64 11.91 1.64
N ALA A 230 13.30 10.18 4.09
CA ALA A 230 13.36 10.28 5.55
C ALA A 230 12.18 11.06 6.11
N TRP A 231 11.70 12.08 5.39
CA TRP A 231 10.58 12.87 5.89
C TRP A 231 9.32 12.02 6.04
N TYR A 232 8.97 11.25 5.00
CA TYR A 232 7.71 10.49 4.99
C TYR A 232 7.77 9.24 5.88
N VAL A 233 8.93 8.59 6.00
CA VAL A 233 9.01 7.46 6.92
C VAL A 233 8.87 7.94 8.35
N LEU A 234 9.53 9.05 8.70
CA LEU A 234 9.31 9.67 10.00
C LEU A 234 7.86 10.11 10.16
N SER A 235 7.31 10.74 9.13
CA SER A 235 5.90 11.15 9.16
C SER A 235 4.99 9.94 9.35
N GLU A 236 5.29 8.83 8.66
CA GLU A 236 4.51 7.60 8.79
C GLU A 236 4.58 7.08 10.23
N THR A 237 5.78 6.98 10.79
CA THR A 237 5.92 6.44 12.15
C THR A 237 5.12 7.27 13.15
N ILE A 238 5.15 8.59 13.04
CA ILE A 238 4.46 9.43 14.00
C ILE A 238 2.95 9.31 13.83
N THR A 239 2.47 9.23 12.59
CA THR A 239 1.03 9.12 12.41
C THR A 239 0.51 7.74 12.82
N PHE A 240 1.39 6.74 12.95
CA PHE A 240 0.99 5.40 13.40
C PHE A 240 0.86 5.32 14.92
N ILE A 241 1.76 5.97 15.66
CA ILE A 241 1.65 5.99 17.12
C ILE A 241 0.40 6.75 17.55
N ALA A 242 0.18 7.92 16.93
CA ALA A 242 -1.07 8.67 16.96
C ALA A 242 -2.31 7.81 16.95
N TRP A 243 -2.32 6.83 16.05
CA TRP A 243 -3.48 5.97 15.84
C TRP A 243 -3.77 5.13 17.07
N HIS A 244 -2.71 4.64 17.73
CA HIS A 244 -2.85 3.79 18.91
C HIS A 244 -3.24 4.57 20.17
N LYS A 245 -3.56 5.86 20.04
CA LYS A 245 -4.08 6.66 21.14
C LYS A 245 -5.60 6.65 21.19
N ALA A 246 -6.24 5.72 20.50
CA ALA A 246 -7.69 5.56 20.53
C ALA A 246 -8.04 4.09 20.65
N ASN A 249 -4.13 -1.08 21.18
CA ASN A 249 -4.20 0.34 21.49
C ASN A 249 -3.00 0.75 22.29
N ASP A 250 -3.06 0.51 23.60
CA ASP A 250 -1.96 0.87 24.48
C ASP A 250 -0.85 -0.17 24.47
N LYS A 251 -0.93 -1.20 23.64
CA LYS A 251 0.10 -2.24 23.57
C LYS A 251 1.14 -1.88 22.51
N GLU A 252 0.73 -1.89 21.23
CA GLU A 252 1.65 -1.54 20.15
C GLU A 252 2.01 -0.05 20.13
N PHE A 253 1.40 0.75 20.99
CA PHE A 253 1.77 2.15 21.17
C PHE A 253 3.13 2.28 21.85
N HIS A 254 3.42 1.40 22.82
CA HIS A 254 4.69 1.43 23.53
C HIS A 254 5.79 0.69 22.79
N ASP A 255 5.48 0.04 21.68
CA ASP A 255 6.48 -0.59 20.83
C ASP A 255 6.84 0.27 19.63
N ALA A 256 5.88 1.04 19.13
CA ALA A 256 6.16 1.96 18.05
C ALA A 256 7.17 3.01 18.47
N GLU A 258 9.63 2.73 20.49
CA GLU A 258 10.99 2.18 20.40
C GLU A 258 11.46 2.11 18.96
N GLU A 259 10.54 1.84 18.03
CA GLU A 259 10.90 1.86 16.61
C GLU A 259 11.14 3.28 16.12
N LEU A 260 10.42 4.27 16.69
CA LEU A 260 10.67 5.67 16.37
C LEU A 260 12.00 6.15 16.94
N HIS A 261 12.34 5.68 18.14
CA HIS A 261 13.62 6.06 18.75
C HIS A 261 14.79 5.71 17.83
N ILE A 262 14.78 4.50 17.26
CA ILE A 262 15.88 4.11 16.37
C ILE A 262 15.83 4.92 15.08
N LEU A 263 14.62 5.13 14.54
CA LEU A 263 14.48 5.89 13.31
C LEU A 263 15.04 7.30 13.49
N LYS A 265 17.49 8.20 15.43
CA LYS A 265 18.94 8.16 15.51
C LYS A 265 19.58 8.17 14.13
N ARG A 266 18.92 7.54 13.15
CA ARG A 266 19.48 7.47 11.80
C ARG A 266 19.38 8.81 11.08
N ILE A 267 18.35 9.60 11.39
CA ILE A 267 18.19 10.90 10.77
C ILE A 267 18.66 12.01 11.71
N VAL A 268 19.93 11.96 12.12
CA VAL A 268 20.48 12.89 13.11
C VAL A 268 19.67 12.85 14.39
#